data_3FW9
#
_entry.id   3FW9
#
_cell.length_a   68.720
_cell.length_b   68.720
_cell.length_c   247.170
_cell.angle_alpha   90.000
_cell.angle_beta   90.000
_cell.angle_gamma   90.000
#
_symmetry.space_group_name_H-M   'P 41 21 2'
#
loop_
_entity.id
_entity.type
_entity.pdbx_description
1 polymer 'Reticuline oxidase'
2 branched alpha-D-mannopyranose-(1-4)-2-acetamido-2-deoxy-beta-D-glucopyranose-(1-4)-2-acetamido-2-deoxy-beta-D-glucopyranose
3 non-polymer 'FLAVIN-ADENINE DINUCLEOTIDE'
4 non-polymer (13aS)-3,10-dimethoxy-5,8,13,13a-tetrahydro-6H-isoquino[3,2-a]isoquinoline-2,9-diol
5 non-polymer 2-acetamido-2-deoxy-beta-D-glucopyranose
6 non-polymer 'MAGNESIUM ION'
7 water water
#
_entity_poly.entity_id   1
_entity_poly.type   'polypeptide(L)'
_entity_poly.pdbx_seq_one_letter_code
;DLLSCLTFNGVRNHTVFSADSDSDFNRFLHLSIQNPLFQNSLISKPSAIILPGSKEELSNTIRCIRKGSWTIRLRSGGHS
YEGLSYTSDTPFILIDLMNLNRVSIDLESETAWVESGSTLGELYYAITESSSKLGFTAGWCPTVGTGGHISGGGFGMMSR
KYGLAADNVVDAILIDANGAILDRQAMGEDVFWAIRGGGGGVWGAIYAWKIKLLPVPEKVTVFRVTKNVAIDEATSLLHK
WQFVAEELEEDFTLSVLGGADEKQVWLTMLGFHFGLKTVAKSTFDLLFPELGLVEEDYLEMSWGESFAYLAGLETVSQLN
NRFLKFDERAFKTKVDLTKEPLPSKAFYGLLERLSKEPNGFIALNGFGGQMSKISSDFTPFPHRSGTRLMVEYIVAWNQS
EQKKKTEFLDWLEKVYEFMKPFVSKNPRLGYVNHIDLDLGGIDWGNKTVVNNAIEISRSWGESYFLSNYERLIRAKTLID
PNNVFNHPQSIPPMA
;
_entity_poly.pdbx_strand_id   A
#
loop_
_chem_comp.id
_chem_comp.type
_chem_comp.name
_chem_comp.formula
FAD non-polymer 'FLAVIN-ADENINE DINUCLEOTIDE' 'C27 H33 N9 O15 P2'
MAN D-saccharide, alpha linking alpha-D-mannopyranose 'C6 H12 O6'
MG non-polymer 'MAGNESIUM ION' 'Mg 2'
NAG D-saccharide, beta linking 2-acetamido-2-deoxy-beta-D-glucopyranose 'C8 H15 N O6'
SLX non-polymer (13aS)-3,10-dimethoxy-5,8,13,13a-tetrahydro-6H-isoquino[3,2-a]isoquinoline-2,9-diol 'C19 H21 N O4'
#
# COMPACT_ATOMS: atom_id res chain seq x y z
N ASP A 1 -24.14 27.36 -2.82
CA ASP A 1 -23.24 26.60 -3.67
C ASP A 1 -21.99 26.18 -2.90
N LEU A 2 -21.43 25.03 -3.25
CA LEU A 2 -20.20 24.56 -2.62
C LEU A 2 -19.08 25.56 -2.85
N LEU A 3 -18.98 26.06 -4.07
CA LEU A 3 -17.94 27.03 -4.43
C LEU A 3 -18.00 28.29 -3.59
N SER A 4 -19.21 28.80 -3.37
CA SER A 4 -19.38 30.02 -2.58
C SER A 4 -18.92 29.81 -1.15
N CYS A 5 -19.14 28.62 -0.62
CA CYS A 5 -18.67 28.31 0.73
C CYS A 5 -17.15 28.25 0.71
N LEU A 6 -16.59 27.55 -0.27
CA LEU A 6 -15.13 27.41 -0.39
C LEU A 6 -14.46 28.77 -0.49
N THR A 7 -15.07 29.67 -1.24
CA THR A 7 -14.52 31.01 -1.44
C THR A 7 -14.61 31.87 -0.18
N PHE A 8 -15.77 31.82 0.48
CA PHE A 8 -15.96 32.54 1.74
C PHE A 8 -14.93 32.11 2.77
N ASN A 9 -14.41 30.89 2.63
CA ASN A 9 -13.45 30.35 3.59
C ASN A 9 -12.01 30.30 3.07
N GLY A 10 -11.77 30.91 1.92
CA GLY A 10 -10.41 31.06 1.42
C GLY A 10 -9.80 29.83 0.76
N VAL A 11 -10.65 28.98 0.19
CA VAL A 11 -10.18 27.84 -0.59
C VAL A 11 -10.44 28.13 -2.07
N ARG A 12 -9.37 28.41 -2.82
CA ARG A 12 -9.51 28.91 -4.18
C ARG A 12 -9.17 27.88 -5.25
N ASN A 13 -8.40 26.86 -4.88
CA ASN A 13 -7.98 25.88 -5.87
C ASN A 13 -9.02 24.78 -6.05
N HIS A 14 -9.97 25.04 -6.93
CA HIS A 14 -11.02 24.08 -7.21
C HIS A 14 -11.44 24.15 -8.68
N THR A 15 -11.93 23.03 -9.19
CA THR A 15 -12.36 22.94 -10.58
CA THR A 15 -12.35 22.93 -10.58
C THR A 15 -13.60 22.07 -10.67
N VAL A 16 -14.66 22.61 -11.27
CA VAL A 16 -15.90 21.86 -11.41
C VAL A 16 -15.83 20.94 -12.62
N PHE A 17 -16.66 19.89 -12.60
CA PHE A 17 -16.75 18.95 -13.70
C PHE A 17 -16.90 19.68 -15.03
N SER A 18 -16.20 19.17 -16.05
CA SER A 18 -16.35 19.68 -17.40
C SER A 18 -16.41 18.53 -18.40
N ALA A 19 -17.28 18.65 -19.39
CA ALA A 19 -17.41 17.64 -20.43
C ALA A 19 -16.28 17.75 -21.45
N ASP A 20 -15.62 18.91 -21.48
CA ASP A 20 -14.48 19.13 -22.37
C ASP A 20 -13.45 18.05 -22.12
N SER A 21 -13.19 17.24 -23.15
CA SER A 21 -12.31 16.07 -23.03
C SER A 21 -10.94 16.40 -22.44
N ASP A 22 -10.36 17.52 -22.88
CA ASP A 22 -9.06 17.93 -22.35
C ASP A 22 -9.17 19.19 -21.50
N SER A 23 -10.28 19.31 -20.79
CA SER A 23 -10.46 20.37 -19.81
C SER A 23 -9.43 20.23 -18.70
N ASP A 24 -9.21 21.32 -17.96
CA ASP A 24 -8.35 21.27 -16.79
C ASP A 24 -8.88 20.25 -15.77
N PHE A 25 -10.20 20.21 -15.61
CA PHE A 25 -10.83 19.25 -14.73
C PHE A 25 -10.35 17.83 -15.03
N ASN A 26 -10.42 17.44 -16.30
CA ASN A 26 -9.99 16.11 -16.73
CA ASN A 26 -10.00 16.11 -16.69
C ASN A 26 -8.49 15.90 -16.49
N ARG A 27 -7.72 16.95 -16.71
CA ARG A 27 -6.28 16.88 -16.51
C ARG A 27 -5.98 16.56 -15.05
N PHE A 28 -6.61 17.29 -14.13
CA PHE A 28 -6.41 17.04 -12.70
C PHE A 28 -6.93 15.66 -12.29
N LEU A 29 -8.08 15.28 -12.81
CA LEU A 29 -8.64 13.97 -12.49
C LEU A 29 -7.65 12.87 -12.82
N HIS A 30 -7.11 12.88 -14.03
CA HIS A 30 -6.30 11.76 -14.52
C HIS A 30 -4.86 11.79 -14.02
N LEU A 31 -4.43 12.96 -13.55
CA LEU A 31 -3.05 13.17 -13.12
C LEU A 31 -2.58 12.11 -12.13
N SER A 32 -3.46 11.73 -11.21
CA SER A 32 -3.09 10.76 -10.17
C SER A 32 -3.95 9.50 -10.19
N ILE A 33 -4.43 9.12 -11.36
CA ILE A 33 -5.04 7.79 -11.50
C ILE A 33 -3.93 6.81 -11.82
N GLN A 34 -3.61 5.94 -10.87
CA GLN A 34 -2.47 5.04 -11.02
C GLN A 34 -2.85 3.64 -11.46
N ASN A 35 -4.15 3.40 -11.65
CA ASN A 35 -4.60 2.16 -12.26
C ASN A 35 -5.54 2.48 -13.42
N PRO A 36 -5.02 2.42 -14.66
CA PRO A 36 -5.79 2.72 -15.87
C PRO A 36 -7.10 1.94 -15.98
N LEU A 37 -7.25 0.85 -15.22
CA LEU A 37 -8.49 0.09 -15.20
C LEU A 37 -9.69 0.99 -14.87
N PHE A 38 -9.44 2.07 -14.16
CA PHE A 38 -10.51 2.96 -13.72
C PHE A 38 -10.44 4.34 -14.37
N GLN A 39 -9.94 4.38 -15.60
CA GLN A 39 -9.72 5.66 -16.27
C GLN A 39 -10.76 5.95 -17.37
N ASN A 40 -11.46 4.92 -17.82
CA ASN A 40 -12.35 5.03 -18.97
C ASN A 40 -13.61 5.88 -18.77
N SER A 41 -14.27 6.20 -19.88
CA SER A 41 -15.39 7.14 -19.89
C SER A 41 -16.66 6.63 -19.21
N LEU A 42 -16.72 5.32 -18.95
CA LEU A 42 -17.90 4.75 -18.31
C LEU A 42 -17.82 4.77 -16.78
N ILE A 43 -16.69 5.23 -16.25
CA ILE A 43 -16.46 5.29 -14.81
C ILE A 43 -17.07 6.57 -14.22
N SER A 44 -17.53 6.48 -12.97
CA SER A 44 -18.04 7.64 -12.25
C SER A 44 -17.00 8.76 -12.22
N LYS A 45 -17.44 10.01 -12.31
CA LYS A 45 -16.54 11.17 -12.26
C LYS A 45 -16.95 12.17 -11.17
N PRO A 46 -15.97 12.82 -10.53
CA PRO A 46 -16.30 13.78 -9.46
C PRO A 46 -17.08 14.98 -10.00
N SER A 47 -17.92 15.58 -9.16
CA SER A 47 -18.62 16.79 -9.53
C SER A 47 -17.71 18.02 -9.44
N ALA A 48 -16.66 17.92 -8.64
CA ALA A 48 -15.65 18.95 -8.55
C ALA A 48 -14.40 18.34 -7.93
N ILE A 49 -13.26 18.99 -8.18
CA ILE A 49 -12.00 18.57 -7.61
C ILE A 49 -11.43 19.76 -6.84
N ILE A 50 -11.09 19.53 -5.57
CA ILE A 50 -10.55 20.56 -4.70
C ILE A 50 -9.12 20.20 -4.35
N LEU A 51 -8.22 21.18 -4.43
CA LEU A 51 -6.81 20.97 -4.08
C LEU A 51 -6.41 21.89 -2.94
N PRO A 52 -6.70 21.49 -1.70
CA PRO A 52 -6.36 22.32 -0.54
C PRO A 52 -4.84 22.49 -0.39
N GLY A 53 -4.40 23.69 -0.04
CA GLY A 53 -2.98 23.99 0.06
C GLY A 53 -2.46 24.08 1.49
N SER A 54 -3.32 23.85 2.46
CA SER A 54 -2.93 23.92 3.86
C SER A 54 -3.90 23.13 4.72
N LYS A 55 -3.53 22.89 5.97
CA LYS A 55 -4.40 22.15 6.87
C LYS A 55 -5.68 22.93 7.14
N GLU A 56 -5.57 24.25 7.16
CA GLU A 56 -6.74 25.10 7.33
C GLU A 56 -7.69 24.97 6.14
N GLU A 57 -7.13 24.96 4.93
CA GLU A 57 -7.94 24.78 3.73
C GLU A 57 -8.57 23.39 3.70
N LEU A 58 -7.85 22.39 4.19
CA LEU A 58 -8.40 21.04 4.24
C LEU A 58 -9.60 21.00 5.19
N SER A 59 -9.44 21.62 6.36
CA SER A 59 -10.51 21.70 7.35
C SER A 59 -11.76 22.38 6.80
N ASN A 60 -11.57 23.52 6.17
CA ASN A 60 -12.68 24.29 5.64
C ASN A 60 -13.32 23.61 4.42
N THR A 61 -12.51 22.88 3.65
CA THR A 61 -13.06 22.14 2.51
C THR A 61 -14.06 21.10 2.99
N ILE A 62 -13.68 20.36 4.02
CA ILE A 62 -14.56 19.36 4.61
C ILE A 62 -15.81 20.02 5.18
N ARG A 63 -15.63 21.10 5.93
CA ARG A 63 -16.76 21.81 6.52
C ARG A 63 -17.77 22.26 5.47
N CYS A 64 -17.28 22.74 4.33
CA CYS A 64 -18.16 23.19 3.25
C CYS A 64 -18.90 22.05 2.57
N ILE A 65 -18.17 20.98 2.24
CA ILE A 65 -18.77 19.84 1.58
C ILE A 65 -19.94 19.29 2.40
N ARG A 66 -19.79 19.35 3.71
CA ARG A 66 -20.83 18.81 4.59
C ARG A 66 -22.14 19.61 4.57
N LYS A 67 -22.04 20.90 4.28
CA LYS A 67 -23.22 21.75 4.16
C LYS A 67 -24.06 21.32 2.97
N GLY A 68 -23.49 20.47 2.13
CA GLY A 68 -24.21 19.92 0.99
C GLY A 68 -24.49 18.44 1.13
N SER A 69 -24.90 17.82 0.03
CA SER A 69 -25.11 16.38 0.02
C SER A 69 -24.12 15.76 -0.96
N TRP A 70 -22.90 15.57 -0.48
CA TRP A 70 -21.83 15.02 -1.29
C TRP A 70 -21.17 13.88 -0.56
N THR A 71 -20.62 12.94 -1.32
CA THR A 71 -19.73 11.94 -0.75
C THR A 71 -18.31 12.47 -0.89
N ILE A 72 -17.55 12.43 0.20
CA ILE A 72 -16.17 12.89 0.17
C ILE A 72 -15.24 11.78 -0.35
N ARG A 73 -14.35 12.13 -1.27
CA ARG A 73 -13.30 11.20 -1.70
C ARG A 73 -11.94 11.88 -1.55
N LEU A 74 -11.06 11.24 -0.76
CA LEU A 74 -9.71 11.73 -0.54
C LEU A 74 -8.72 11.00 -1.43
N ARG A 75 -7.83 11.75 -2.07
CA ARG A 75 -6.77 11.11 -2.86
C ARG A 75 -5.41 11.70 -2.54
N SER A 76 -4.48 10.81 -2.24
CA SER A 76 -3.09 11.18 -1.99
CA SER A 76 -3.09 11.21 -2.01
C SER A 76 -2.26 10.80 -3.21
N GLY A 77 -1.86 9.53 -3.28
CA GLY A 77 -1.11 9.04 -4.42
C GLY A 77 -1.92 8.39 -5.53
N GLY A 78 -3.18 8.07 -5.25
CA GLY A 78 -4.06 7.49 -6.26
C GLY A 78 -3.78 6.04 -6.61
N HIS A 79 -3.08 5.33 -5.73
CA HIS A 79 -2.71 3.94 -6.00
C HIS A 79 -3.74 2.89 -5.61
N SER A 80 -4.87 3.30 -5.05
CA SER A 80 -5.91 2.35 -4.67
C SER A 80 -6.10 1.28 -5.75
N TYR A 81 -5.98 0.01 -5.38
CA TYR A 81 -6.11 -1.06 -6.35
C TYR A 81 -7.51 -1.09 -6.97
N GLU A 82 -8.48 -0.52 -6.25
CA GLU A 82 -9.88 -0.54 -6.67
C GLU A 82 -10.39 0.86 -7.00
N GLY A 83 -9.47 1.81 -7.13
CA GLY A 83 -9.81 3.18 -7.52
C GLY A 83 -10.70 3.90 -6.53
N LEU A 84 -10.63 3.51 -5.25
CA LEU A 84 -11.57 4.03 -4.26
C LEU A 84 -11.29 5.46 -3.80
N SER A 85 -10.18 6.04 -4.25
CA SER A 85 -9.89 7.43 -3.94
C SER A 85 -10.49 8.41 -4.96
N TYR A 86 -11.03 7.91 -6.06
CA TYR A 86 -11.52 8.81 -7.12
C TYR A 86 -12.76 8.27 -7.86
N THR A 87 -13.44 7.31 -7.25
CA THR A 87 -14.70 6.80 -7.79
C THR A 87 -15.71 6.66 -6.66
N SER A 88 -16.99 6.71 -7.03
CA SER A 88 -18.10 6.59 -6.07
C SER A 88 -19.40 6.40 -6.83
N ASP A 89 -20.30 5.58 -6.30
CA ASP A 89 -21.59 5.36 -6.93
C ASP A 89 -22.55 6.52 -6.65
N THR A 90 -22.21 7.33 -5.66
CA THR A 90 -22.99 8.52 -5.34
C THR A 90 -22.20 9.76 -5.73
N PRO A 91 -22.90 10.85 -6.07
CA PRO A 91 -22.22 12.10 -6.45
C PRO A 91 -21.15 12.44 -5.42
N PHE A 92 -19.96 12.79 -5.88
CA PHE A 92 -18.85 12.95 -4.94
C PHE A 92 -17.96 14.13 -5.28
N ILE A 93 -17.23 14.60 -4.27
CA ILE A 93 -16.26 15.66 -4.43
C ILE A 93 -14.90 15.02 -4.19
N LEU A 94 -13.99 15.22 -5.13
CA LEU A 94 -12.64 14.69 -4.99
C LEU A 94 -11.73 15.73 -4.35
N ILE A 95 -11.21 15.39 -3.17
CA ILE A 95 -10.23 16.23 -2.50
C ILE A 95 -8.87 15.64 -2.79
N ASP A 96 -8.15 16.25 -3.71
CA ASP A 96 -6.83 15.81 -4.11
C ASP A 96 -5.78 16.52 -3.27
N LEU A 97 -4.91 15.74 -2.63
CA LEU A 97 -3.96 16.27 -1.66
C LEU A 97 -2.56 16.53 -2.23
N MET A 98 -2.42 16.53 -3.56
CA MET A 98 -1.11 16.66 -4.19
C MET A 98 -0.32 17.92 -3.80
N ASN A 99 -1.01 18.99 -3.44
CA ASN A 99 -0.32 20.20 -3.00
C ASN A 99 0.17 20.15 -1.57
N LEU A 100 -0.28 19.14 -0.83
CA LEU A 100 0.18 18.92 0.53
C LEU A 100 1.29 17.88 0.51
N ASN A 101 2.44 18.26 -0.06
CA ASN A 101 3.54 17.31 -0.21
C ASN A 101 4.83 17.77 0.45
N ARG A 102 4.70 18.58 1.49
CA ARG A 102 5.84 19.06 2.25
C ARG A 102 6.36 18.03 3.26
N VAL A 103 7.66 17.83 3.25
CA VAL A 103 8.31 16.96 4.22
C VAL A 103 9.22 17.84 5.06
N SER A 104 9.05 17.79 6.38
CA SER A 104 9.88 18.58 7.28
CA SER A 104 9.87 18.58 7.29
C SER A 104 10.68 17.66 8.20
N ILE A 105 11.97 17.58 7.94
CA ILE A 105 12.86 16.72 8.71
C ILE A 105 13.47 17.45 9.87
N ASP A 106 13.38 16.86 11.06
CA ASP A 106 14.01 17.42 12.25
C ASP A 106 15.18 16.53 12.62
N LEU A 107 16.39 16.96 12.27
CA LEU A 107 17.58 16.16 12.54
C LEU A 107 17.96 16.11 14.01
N GLU A 108 17.46 17.07 14.79
CA GLU A 108 17.75 17.09 16.23
C GLU A 108 16.96 16.04 17.00
N SER A 109 15.74 15.74 16.54
CA SER A 109 14.96 14.68 17.15
C SER A 109 14.95 13.40 16.32
N GLU A 110 15.45 13.50 15.09
CA GLU A 110 15.38 12.38 14.13
C GLU A 110 13.93 11.90 13.96
N THR A 111 13.08 12.87 13.67
CA THR A 111 11.68 12.63 13.31
C THR A 111 11.39 13.47 12.07
N ALA A 112 10.24 13.26 11.45
CA ALA A 112 9.81 14.10 10.34
C ALA A 112 8.31 14.26 10.38
N TRP A 113 7.84 15.45 10.02
CA TRP A 113 6.43 15.67 9.73
C TRP A 113 6.25 15.58 8.22
N VAL A 114 5.31 14.74 7.80
CA VAL A 114 5.12 14.43 6.39
C VAL A 114 3.69 14.72 6.00
N GLU A 115 3.46 15.77 5.21
CA GLU A 115 2.11 16.03 4.71
C GLU A 115 1.64 14.84 3.90
N SER A 116 0.35 14.55 3.99
CA SER A 116 -0.20 13.29 3.49
C SER A 116 -0.28 13.15 1.97
N GLY A 117 -0.06 14.23 1.24
CA GLY A 117 0.02 14.16 -0.20
C GLY A 117 1.41 13.74 -0.68
N SER A 118 2.38 13.72 0.23
CA SER A 118 3.74 13.31 -0.11
C SER A 118 3.77 11.84 -0.54
N THR A 119 4.51 11.53 -1.60
CA THR A 119 4.69 10.13 -2.00
C THR A 119 5.83 9.50 -1.20
N LEU A 120 5.91 8.17 -1.25
CA LEU A 120 7.04 7.46 -0.63
C LEU A 120 8.36 7.95 -1.22
N GLY A 121 8.42 8.10 -2.53
CA GLY A 121 9.64 8.56 -3.18
C GLY A 121 10.05 9.94 -2.68
N GLU A 122 9.09 10.86 -2.59
CA GLU A 122 9.38 12.21 -2.10
C GLU A 122 9.93 12.17 -0.68
N LEU A 123 9.33 11.32 0.15
CA LEU A 123 9.79 11.12 1.53
C LEU A 123 11.21 10.56 1.57
N TYR A 124 11.45 9.48 0.82
CA TYR A 124 12.77 8.86 0.79
C TYR A 124 13.83 9.86 0.31
N TYR A 125 13.48 10.62 -0.73
CA TYR A 125 14.41 11.61 -1.28
C TYR A 125 14.75 12.66 -0.22
N ALA A 126 13.74 13.16 0.47
CA ALA A 126 13.95 14.17 1.50
C ALA A 126 14.85 13.65 2.62
N ILE A 127 14.63 12.41 3.04
CA ILE A 127 15.45 11.83 4.10
C ILE A 127 16.90 11.70 3.65
N THR A 128 17.11 11.12 2.47
CA THR A 128 18.45 10.94 1.90
CA THR A 128 18.48 10.93 2.00
C THR A 128 19.22 12.25 1.77
N GLU A 129 18.50 13.31 1.39
CA GLU A 129 19.11 14.62 1.25
C GLU A 129 19.58 15.18 2.60
N SER A 130 18.86 14.83 3.66
CA SER A 130 19.13 15.38 4.99
C SER A 130 20.24 14.64 5.73
N SER A 131 20.40 13.35 5.45
CA SER A 131 21.30 12.53 6.23
C SER A 131 21.68 11.25 5.51
N SER A 132 22.91 10.79 5.75
CA SER A 132 23.40 9.54 5.19
C SER A 132 23.20 8.37 6.14
N LYS A 133 22.67 8.64 7.33
CA LYS A 133 22.54 7.60 8.36
C LYS A 133 21.11 7.39 8.84
N LEU A 134 20.15 7.93 8.11
CA LEU A 134 18.74 7.79 8.45
C LEU A 134 17.94 7.28 7.27
N GLY A 135 16.92 6.48 7.57
CA GLY A 135 16.01 5.97 6.55
C GLY A 135 14.62 5.82 7.14
N PHE A 136 13.73 5.17 6.39
CA PHE A 136 12.40 4.89 6.89
C PHE A 136 11.84 3.64 6.24
N THR A 137 11.02 2.90 7.00
CA THR A 137 10.45 1.66 6.50
C THR A 137 9.08 1.92 5.91
N ALA A 138 8.98 1.76 4.59
CA ALA A 138 7.71 1.79 3.91
C ALA A 138 7.83 1.00 2.62
N GLY A 139 6.85 1.17 1.74
CA GLY A 139 6.74 0.34 0.54
C GLY A 139 7.80 0.55 -0.51
N TRP A 140 7.73 -0.32 -1.51
CA TRP A 140 8.73 -0.45 -2.56
C TRP A 140 8.43 0.48 -3.74
N CYS A 141 7.14 0.71 -4.03
CA CYS A 141 6.74 1.57 -5.15
C CYS A 141 6.86 3.06 -4.80
N PRO A 142 7.69 3.81 -5.54
CA PRO A 142 7.96 5.20 -5.13
C PRO A 142 6.82 6.20 -5.34
N THR A 143 5.84 5.91 -6.19
CA THR A 143 4.77 6.88 -6.45
C THR A 143 3.55 6.69 -5.55
N VAL A 144 3.60 5.70 -4.67
CA VAL A 144 2.52 5.49 -3.70
C VAL A 144 2.46 6.68 -2.73
N GLY A 145 1.25 7.11 -2.38
CA GLY A 145 1.07 8.23 -1.47
C GLY A 145 1.14 7.81 0.00
N THR A 146 1.73 8.64 0.84
CA THR A 146 1.78 8.35 2.27
C THR A 146 0.38 8.35 2.88
N GLY A 147 -0.54 9.10 2.29
CA GLY A 147 -1.89 9.20 2.82
C GLY A 147 -2.58 7.86 2.90
N GLY A 148 -2.67 7.15 1.79
CA GLY A 148 -3.29 5.84 1.79
C GLY A 148 -2.38 4.77 2.40
N HIS A 149 -1.09 4.84 2.09
CA HIS A 149 -0.15 3.77 2.42
C HIS A 149 0.02 3.61 3.91
N ILE A 150 0.34 4.70 4.59
CA ILE A 150 0.54 4.63 6.02
C ILE A 150 -0.78 4.34 6.74
N SER A 151 -1.89 4.86 6.20
CA SER A 151 -3.20 4.57 6.76
C SER A 151 -3.53 3.08 6.80
N GLY A 152 -2.96 2.32 5.87
CA GLY A 152 -3.23 0.90 5.75
C GLY A 152 -2.12 0.01 6.27
N GLY A 153 -1.06 0.60 6.83
CA GLY A 153 0.06 -0.17 7.34
C GLY A 153 1.38 0.20 6.67
N GLY A 154 1.69 -0.47 5.58
CA GLY A 154 2.82 -0.08 4.74
C GLY A 154 4.02 -0.98 4.92
N PHE A 155 4.11 -1.99 4.06
CA PHE A 155 5.14 -3.03 4.16
C PHE A 155 6.18 -2.86 3.07
N GLY A 156 7.45 -3.04 3.41
CA GLY A 156 8.51 -2.92 2.44
C GLY A 156 9.76 -3.69 2.78
N MET A 157 10.85 -3.35 2.08
CA MET A 157 12.08 -4.14 2.15
C MET A 157 12.80 -4.06 3.47
N MET A 158 12.41 -3.13 4.34
CA MET A 158 13.02 -3.04 5.66
C MET A 158 12.04 -3.43 6.77
N SER A 159 10.90 -3.99 6.40
CA SER A 159 9.90 -4.34 7.42
C SER A 159 10.33 -5.47 8.35
N ARG A 160 11.22 -6.35 7.90
CA ARG A 160 11.69 -7.42 8.77
CA ARG A 160 11.73 -7.42 8.74
C ARG A 160 12.63 -6.86 9.83
N LYS A 161 13.14 -5.65 9.60
CA LYS A 161 14.00 -4.96 10.56
C LYS A 161 13.21 -4.00 11.44
N TYR A 162 12.25 -3.28 10.85
CA TYR A 162 11.59 -2.17 11.53
C TYR A 162 10.07 -2.19 11.51
N GLY A 163 9.48 -3.23 10.92
CA GLY A 163 8.03 -3.32 10.84
C GLY A 163 7.44 -2.44 9.76
N LEU A 164 6.16 -2.13 9.91
CA LEU A 164 5.44 -1.31 8.92
C LEU A 164 5.70 0.19 9.11
N ALA A 165 5.43 0.96 8.06
CA ALA A 165 5.46 2.41 8.19
C ALA A 165 4.62 2.83 9.39
N ALA A 166 3.42 2.28 9.50
CA ALA A 166 2.50 2.67 10.56
C ALA A 166 3.02 2.33 11.97
N ASP A 167 3.92 1.35 12.07
CA ASP A 167 4.51 0.96 13.35
C ASP A 167 5.51 2.00 13.85
N ASN A 168 5.83 2.97 13.00
CA ASN A 168 6.84 3.97 13.33
C ASN A 168 6.29 5.40 13.27
N VAL A 169 4.96 5.50 13.40
CA VAL A 169 4.28 6.79 13.50
C VAL A 169 4.10 7.17 14.97
N VAL A 170 4.49 8.38 15.34
CA VAL A 170 4.47 8.80 16.75
C VAL A 170 3.48 9.93 17.03
N ASP A 171 2.99 10.57 15.97
CA ASP A 171 1.96 11.59 16.08
C ASP A 171 1.34 11.72 14.69
N ALA A 172 0.25 12.46 14.59
CA ALA A 172 -0.41 12.71 13.32
C ALA A 172 -1.37 13.87 13.52
N ILE A 173 -1.70 14.55 12.42
CA ILE A 173 -2.77 15.53 12.45
C ILE A 173 -3.92 14.98 11.64
N LEU A 174 -5.06 14.78 12.30
CA LEU A 174 -6.25 14.24 11.64
C LEU A 174 -7.32 15.33 11.59
N ILE A 175 -7.87 15.56 10.40
CA ILE A 175 -8.98 16.49 10.24
C ILE A 175 -10.26 15.68 10.24
N ASP A 176 -11.12 15.93 11.22
CA ASP A 176 -12.31 15.08 11.40
C ASP A 176 -13.51 15.56 10.61
N ALA A 177 -14.62 14.85 10.77
CA ALA A 177 -15.83 15.12 10.00
C ALA A 177 -16.35 16.54 10.16
N ASN A 178 -16.01 17.19 11.26
CA ASN A 178 -16.44 18.58 11.49
C ASN A 178 -15.35 19.61 11.18
N GLY A 179 -14.22 19.15 10.66
CA GLY A 179 -13.12 20.05 10.35
C GLY A 179 -12.19 20.32 11.52
N ALA A 180 -12.38 19.60 12.62
CA ALA A 180 -11.50 19.76 13.77
C ALA A 180 -10.08 19.35 13.39
N ILE A 181 -9.09 20.05 13.95
CA ILE A 181 -7.71 19.73 13.67
C ILE A 181 -7.11 19.04 14.90
N LEU A 182 -6.92 17.72 14.79
CA LEU A 182 -6.63 16.89 15.96
C LEU A 182 -5.26 16.23 15.88
N ASP A 183 -4.41 16.48 16.88
CA ASP A 183 -3.18 15.72 17.01
C ASP A 183 -3.41 14.46 17.84
N ARG A 184 -2.36 13.72 18.12
CA ARG A 184 -2.49 12.45 18.83
C ARG A 184 -3.20 12.65 20.17
N GLN A 185 -2.81 13.68 20.91
CA GLN A 185 -3.42 13.94 22.22
C GLN A 185 -4.91 14.27 22.10
N ALA A 186 -5.28 15.00 21.06
CA ALA A 186 -6.67 15.40 20.86
C ALA A 186 -7.57 14.25 20.42
N MET A 187 -7.09 13.42 19.51
CA MET A 187 -7.91 12.34 18.97
C MET A 187 -8.05 11.18 19.95
N GLY A 188 -7.07 11.03 20.84
CA GLY A 188 -7.12 9.97 21.83
C GLY A 188 -6.43 8.70 21.34
N GLU A 189 -6.10 7.81 22.27
CA GLU A 189 -5.28 6.65 21.92
C GLU A 189 -5.99 5.61 21.03
N ASP A 190 -7.30 5.46 21.18
CA ASP A 190 -8.05 4.54 20.32
C ASP A 190 -8.03 4.98 18.85
N VAL A 191 -8.28 6.27 18.62
CA VAL A 191 -8.27 6.79 17.26
C VAL A 191 -6.85 6.83 16.68
N PHE A 192 -5.87 7.19 17.51
CA PHE A 192 -4.48 7.23 17.05
C PHE A 192 -3.99 5.82 16.69
N TRP A 193 -4.50 4.82 17.42
CA TRP A 193 -4.26 3.42 17.07
C TRP A 193 -4.94 3.08 15.74
N ALA A 194 -6.22 3.43 15.61
CA ALA A 194 -6.99 3.07 14.42
C ALA A 194 -6.39 3.61 13.11
N ILE A 195 -5.89 4.85 13.13
CA ILE A 195 -5.39 5.43 11.90
C ILE A 195 -4.07 4.82 11.43
N ARG A 196 -3.39 4.11 12.33
CA ARG A 196 -2.10 3.51 12.01
C ARG A 196 -2.26 2.11 11.42
N GLY A 197 -3.08 1.98 10.39
CA GLY A 197 -3.27 0.70 9.74
C GLY A 197 -4.71 0.28 9.54
N GLY A 198 -5.64 1.05 10.10
CA GLY A 198 -7.06 0.72 10.01
C GLY A 198 -7.71 0.99 8.67
N GLY A 199 -6.93 1.55 7.74
CA GLY A 199 -7.40 1.80 6.39
C GLY A 199 -7.69 3.26 6.12
N GLY A 200 -7.34 3.72 4.92
CA GLY A 200 -7.65 5.08 4.52
C GLY A 200 -9.10 5.28 4.17
N GLY A 201 -9.52 6.54 4.19
CA GLY A 201 -10.88 6.90 3.81
C GLY A 201 -11.96 6.55 4.82
N VAL A 202 -11.58 6.39 6.09
CA VAL A 202 -12.49 5.86 7.10
C VAL A 202 -12.61 6.72 8.36
N TRP A 203 -11.53 7.41 8.73
CA TRP A 203 -11.45 8.07 10.04
C TRP A 203 -11.57 9.58 9.98
N GLY A 204 -11.38 10.13 8.78
CA GLY A 204 -11.17 11.55 8.59
C GLY A 204 -10.06 11.72 7.59
N ALA A 205 -9.60 12.95 7.39
CA ALA A 205 -8.51 13.19 6.45
C ALA A 205 -7.21 13.40 7.22
N ILE A 206 -6.25 12.51 7.02
CA ILE A 206 -4.94 12.75 7.62
C ILE A 206 -4.31 13.95 6.91
N TYR A 207 -3.95 14.97 7.67
CA TYR A 207 -3.21 16.10 7.12
C TYR A 207 -1.71 15.79 7.03
N ALA A 208 -1.15 15.26 8.11
CA ALA A 208 0.27 14.95 8.16
C ALA A 208 0.56 13.84 9.16
N TRP A 209 1.64 13.10 8.89
CA TRP A 209 2.13 12.05 9.78
C TRP A 209 3.41 12.53 10.44
N LYS A 210 3.58 12.26 11.73
CA LYS A 210 4.89 12.44 12.34
C LYS A 210 5.54 11.06 12.53
N ILE A 211 6.68 10.87 11.87
CA ILE A 211 7.34 9.57 11.87
C ILE A 211 8.68 9.64 12.57
N LYS A 212 9.08 8.52 13.15
CA LYS A 212 10.41 8.39 13.70
C LYS A 212 11.33 7.90 12.60
N LEU A 213 12.41 8.64 12.36
CA LEU A 213 13.40 8.24 11.39
C LEU A 213 14.31 7.18 12.01
N LEU A 214 14.76 6.25 11.18
CA LEU A 214 15.40 5.04 11.68
C LEU A 214 16.84 4.93 11.20
N PRO A 215 17.71 4.36 12.05
CA PRO A 215 19.12 4.29 11.64
C PRO A 215 19.36 3.35 10.46
N VAL A 216 20.24 3.78 9.57
CA VAL A 216 20.76 2.92 8.52
C VAL A 216 22.26 3.17 8.43
N PRO A 217 23.02 2.14 8.05
CA PRO A 217 24.47 2.34 7.84
C PRO A 217 24.69 3.24 6.63
N GLU A 218 25.85 3.88 6.55
CA GLU A 218 26.14 4.75 5.41
C GLU A 218 26.21 3.97 4.09
N LYS A 219 26.58 2.70 4.18
CA LYS A 219 26.52 1.81 3.02
C LYS A 219 25.75 0.54 3.38
N VAL A 220 24.72 0.26 2.59
CA VAL A 220 24.02 -1.01 2.65
C VAL A 220 24.37 -1.82 1.40
N THR A 221 24.01 -3.11 1.40
CA THR A 221 24.30 -3.97 0.26
C THR A 221 23.00 -4.46 -0.32
N VAL A 222 22.86 -4.37 -1.64
CA VAL A 222 21.69 -4.89 -2.33
C VAL A 222 22.11 -5.71 -3.54
N PHE A 223 21.20 -6.59 -3.96
CA PHE A 223 21.31 -7.18 -5.28
C PHE A 223 19.95 -7.24 -5.95
N ARG A 224 19.96 -7.17 -7.28
N ARG A 224 19.99 -7.25 -7.28
CA ARG A 224 18.74 -7.33 -8.07
CA ARG A 224 18.81 -7.27 -8.12
C ARG A 224 19.11 -8.18 -9.27
C ARG A 224 19.17 -8.18 -9.28
N VAL A 225 18.87 -9.48 -9.15
CA VAL A 225 19.37 -10.46 -10.10
C VAL A 225 18.24 -11.33 -10.65
N THR A 226 18.09 -11.32 -11.96
CA THR A 226 17.06 -12.13 -12.59
C THR A 226 17.64 -13.45 -13.05
N LYS A 227 17.09 -14.55 -12.52
CA LYS A 227 17.45 -15.88 -12.94
C LYS A 227 16.53 -16.31 -14.07
N ASN A 228 17.11 -16.78 -15.17
CA ASN A 228 16.36 -17.32 -16.28
C ASN A 228 16.53 -18.82 -16.29
N VAL A 229 15.49 -19.53 -15.86
CA VAL A 229 15.59 -20.95 -15.57
C VAL A 229 14.36 -21.71 -16.08
N ALA A 230 14.41 -23.02 -15.92
CA ALA A 230 13.28 -23.89 -16.28
C ALA A 230 12.46 -24.19 -15.04
N ILE A 231 11.29 -24.78 -15.23
CA ILE A 231 10.35 -24.92 -14.12
C ILE A 231 10.85 -25.80 -12.96
N ASP A 232 11.62 -26.83 -13.26
CA ASP A 232 12.11 -27.68 -12.18
CA ASP A 232 12.15 -27.70 -12.20
C ASP A 232 13.02 -26.90 -11.24
N GLU A 233 13.97 -26.15 -11.80
CA GLU A 233 14.86 -25.34 -11.00
C GLU A 233 14.12 -24.17 -10.33
N ALA A 234 13.23 -23.52 -11.07
CA ALA A 234 12.46 -22.42 -10.49
C ALA A 234 11.64 -22.90 -9.30
N THR A 235 11.07 -24.09 -9.40
CA THR A 235 10.27 -24.65 -8.33
C THR A 235 11.12 -24.91 -7.09
N SER A 236 12.28 -25.53 -7.28
CA SER A 236 13.15 -25.80 -6.14
C SER A 236 13.74 -24.52 -5.53
N LEU A 237 13.98 -23.51 -6.37
CA LEU A 237 14.43 -22.22 -5.87
C LEU A 237 13.36 -21.58 -5.00
N LEU A 238 12.13 -21.51 -5.50
CA LEU A 238 11.07 -20.89 -4.72
C LEU A 238 10.75 -21.67 -3.45
N HIS A 239 10.78 -23.00 -3.56
CA HIS A 239 10.47 -23.83 -2.39
C HIS A 239 11.50 -23.64 -1.27
N LYS A 240 12.77 -23.50 -1.64
CA LYS A 240 13.79 -23.22 -0.62
C LYS A 240 13.74 -21.76 -0.19
N TRP A 241 13.46 -20.87 -1.14
CA TRP A 241 13.37 -19.44 -0.84
C TRP A 241 12.48 -19.16 0.38
N GLN A 242 11.34 -19.83 0.48
CA GLN A 242 10.40 -19.51 1.55
C GLN A 242 11.03 -19.71 2.93
N PHE A 243 11.89 -20.70 3.07
CA PHE A 243 12.51 -20.96 4.36
C PHE A 243 13.63 -19.96 4.63
N VAL A 244 14.48 -19.74 3.63
CA VAL A 244 15.55 -18.74 3.74
C VAL A 244 14.97 -17.37 4.12
N ALA A 245 13.93 -16.94 3.41
CA ALA A 245 13.33 -15.63 3.62
C ALA A 245 12.77 -15.38 5.02
N GLU A 246 11.99 -16.31 5.53
CA GLU A 246 11.37 -16.14 6.85
CA GLU A 246 11.37 -16.15 6.85
C GLU A 246 12.41 -16.28 7.96
N GLU A 247 13.41 -17.11 7.72
CA GLU A 247 14.40 -17.40 8.75
C GLU A 247 15.61 -16.47 8.83
N LEU A 248 15.86 -15.69 7.77
CA LEU A 248 16.99 -14.77 7.77
C LEU A 248 16.96 -13.88 9.00
N GLU A 249 18.13 -13.54 9.53
CA GLU A 249 18.19 -12.55 10.61
C GLU A 249 17.60 -11.24 10.12
N GLU A 250 17.18 -10.39 11.06
CA GLU A 250 16.45 -9.17 10.72
C GLU A 250 17.22 -8.17 9.84
N ASP A 251 18.55 -8.29 9.81
CA ASP A 251 19.37 -7.40 9.00
C ASP A 251 19.40 -7.79 7.52
N PHE A 252 18.60 -8.78 7.14
CA PHE A 252 18.55 -9.23 5.74
C PHE A 252 17.12 -9.33 5.26
N THR A 253 16.90 -9.04 3.98
CA THR A 253 15.63 -9.33 3.33
C THR A 253 15.92 -9.93 1.95
N LEU A 254 15.22 -11.02 1.62
CA LEU A 254 15.28 -11.59 0.28
C LEU A 254 13.87 -11.77 -0.24
N SER A 255 13.53 -11.03 -1.29
CA SER A 255 12.21 -11.09 -1.89
C SER A 255 12.29 -11.46 -3.36
N VAL A 256 11.15 -11.82 -3.96
CA VAL A 256 11.16 -12.29 -5.34
C VAL A 256 10.02 -11.69 -6.17
N LEU A 257 10.35 -11.32 -7.41
CA LEU A 257 9.34 -11.08 -8.44
C LEU A 257 9.48 -12.20 -9.46
N GLY A 258 8.36 -12.79 -9.86
CA GLY A 258 8.44 -13.94 -10.75
C GLY A 258 7.39 -13.98 -11.84
N GLY A 259 7.74 -14.59 -12.96
CA GLY A 259 6.84 -14.75 -14.09
C GLY A 259 7.37 -15.80 -15.04
N ALA A 260 6.65 -16.07 -16.11
CA ALA A 260 7.10 -17.07 -17.06
C ALA A 260 6.44 -16.93 -18.41
N ASP A 261 6.91 -17.72 -19.36
CA ASP A 261 6.33 -17.77 -20.70
C ASP A 261 6.74 -19.08 -21.31
N GLU A 262 5.79 -20.02 -21.38
CA GLU A 262 6.08 -21.39 -21.78
C GLU A 262 7.25 -21.97 -20.98
N LYS A 263 8.31 -22.41 -21.65
CA LYS A 263 9.41 -23.06 -20.92
C LYS A 263 10.32 -22.11 -20.16
N GLN A 264 10.22 -20.82 -20.43
CA GLN A 264 11.11 -19.85 -19.81
C GLN A 264 10.51 -19.25 -18.55
N VAL A 265 11.18 -19.45 -17.42
CA VAL A 265 10.76 -18.82 -16.16
C VAL A 265 11.77 -17.76 -15.79
N TRP A 266 11.28 -16.63 -15.30
CA TRP A 266 12.17 -15.60 -14.77
C TRP A 266 11.85 -15.33 -13.30
N LEU A 267 12.89 -15.32 -12.47
CA LEU A 267 12.78 -14.96 -11.06
C LEU A 267 13.76 -13.85 -10.75
N THR A 268 13.22 -12.67 -10.44
CA THR A 268 14.06 -11.55 -10.04
C THR A 268 14.23 -11.55 -8.52
N MET A 269 15.46 -11.79 -8.08
CA MET A 269 15.77 -11.87 -6.67
C MET A 269 16.18 -10.49 -6.18
N LEU A 270 15.48 -10.01 -5.16
CA LEU A 270 15.73 -8.70 -4.59
C LEU A 270 16.29 -8.86 -3.19
N GLY A 271 17.56 -8.49 -3.01
CA GLY A 271 18.23 -8.67 -1.74
C GLY A 271 18.66 -7.36 -1.10
N PHE A 272 18.55 -7.31 0.23
CA PHE A 272 18.94 -6.14 1.01
C PHE A 272 19.64 -6.61 2.27
N HIS A 273 20.80 -6.02 2.55
CA HIS A 273 21.47 -6.23 3.82
C HIS A 273 21.86 -4.92 4.47
N PHE A 274 21.53 -4.83 5.76
CA PHE A 274 21.90 -3.68 6.60
CA PHE A 274 21.87 -3.71 6.64
C PHE A 274 23.36 -3.76 6.98
N GLY A 275 24.23 -3.65 5.98
CA GLY A 275 25.66 -3.77 6.22
C GLY A 275 26.43 -3.97 4.92
N LEU A 276 27.68 -4.40 5.05
CA LEU A 276 28.62 -4.49 3.93
C LEU A 276 28.55 -5.83 3.17
N LYS A 277 29.19 -5.86 2.01
CA LYS A 277 28.95 -6.94 1.06
C LYS A 277 29.63 -8.26 1.44
N THR A 278 30.72 -8.18 2.19
CA THR A 278 31.39 -9.38 2.68
C THR A 278 30.44 -10.24 3.51
N VAL A 279 29.78 -9.60 4.48
CA VAL A 279 28.81 -10.29 5.33
C VAL A 279 27.59 -10.72 4.51
N ALA A 280 27.14 -9.85 3.63
CA ALA A 280 25.99 -10.18 2.78
C ALA A 280 26.23 -11.46 2.00
N LYS A 281 27.36 -11.53 1.31
CA LYS A 281 27.65 -12.67 0.46
C LYS A 281 27.95 -13.93 1.28
N SER A 282 28.64 -13.77 2.40
CA SER A 282 28.90 -14.90 3.28
C SER A 282 27.59 -15.57 3.70
N THR A 283 26.59 -14.75 4.01
CA THR A 283 25.31 -15.25 4.47
C THR A 283 24.53 -16.01 3.38
N PHE A 284 24.48 -15.44 2.18
CA PHE A 284 23.76 -16.12 1.10
C PHE A 284 24.53 -17.30 0.52
N ASP A 285 25.86 -17.25 0.60
CA ASP A 285 26.68 -18.41 0.22
C ASP A 285 26.35 -19.59 1.12
N LEU A 286 26.17 -19.31 2.42
CA LEU A 286 25.84 -20.33 3.39
C LEU A 286 24.40 -20.83 3.24
N LEU A 287 23.46 -19.90 3.19
CA LEU A 287 22.05 -20.24 3.28
C LEU A 287 21.37 -20.55 1.95
N PHE A 288 21.89 -20.02 0.86
CA PHE A 288 21.21 -20.15 -0.43
C PHE A 288 22.20 -20.18 -1.59
N PRO A 289 23.14 -21.12 -1.57
CA PRO A 289 24.14 -21.16 -2.65
C PRO A 289 23.50 -21.48 -4.00
N GLU A 290 22.31 -22.08 -3.98
CA GLU A 290 21.59 -22.45 -5.19
C GLU A 290 21.24 -21.24 -6.05
N LEU A 291 21.19 -20.05 -5.45
CA LEU A 291 20.93 -18.83 -6.20
C LEU A 291 22.03 -18.53 -7.20
N GLY A 292 23.22 -19.03 -6.93
CA GLY A 292 24.35 -18.81 -7.82
C GLY A 292 24.74 -17.35 -7.96
N LEU A 293 24.66 -16.60 -6.88
CA LEU A 293 25.08 -15.20 -6.89
C LEU A 293 26.60 -15.10 -6.89
N VAL A 294 27.12 -14.08 -7.58
CA VAL A 294 28.56 -13.86 -7.63
C VAL A 294 28.90 -12.50 -7.03
N GLU A 295 30.19 -12.28 -6.76
CA GLU A 295 30.61 -11.05 -6.12
C GLU A 295 30.06 -9.81 -6.82
N GLU A 296 30.07 -9.82 -8.14
CA GLU A 296 29.64 -8.65 -8.92
C GLU A 296 28.14 -8.37 -8.81
N ASP A 297 27.39 -9.33 -8.25
CA ASP A 297 25.96 -9.12 -8.03
C ASP A 297 25.68 -8.21 -6.84
N TYR A 298 26.60 -8.22 -5.87
CA TYR A 298 26.42 -7.45 -4.64
C TYR A 298 26.94 -6.02 -4.79
N LEU A 299 26.05 -5.06 -4.60
CA LEU A 299 26.40 -3.66 -4.74
C LEU A 299 26.24 -2.91 -3.42
N GLU A 300 27.29 -2.20 -3.02
CA GLU A 300 27.26 -1.35 -1.85
C GLU A 300 26.88 0.06 -2.25
N MET A 301 25.92 0.64 -1.54
CA MET A 301 25.43 1.97 -1.88
C MET A 301 24.72 2.57 -0.67
N SER A 302 24.35 3.84 -0.76
CA SER A 302 23.62 4.47 0.34
C SER A 302 22.22 3.88 0.46
N TRP A 303 21.59 4.07 1.62
CA TRP A 303 20.20 3.62 1.77
C TRP A 303 19.28 4.22 0.69
N GLY A 304 19.40 5.52 0.44
CA GLY A 304 18.55 6.14 -0.56
C GLY A 304 18.77 5.55 -1.94
N GLU A 305 20.04 5.36 -2.31
CA GLU A 305 20.35 4.71 -3.57
C GLU A 305 19.74 3.33 -3.63
N SER A 306 19.78 2.60 -2.51
CA SER A 306 19.32 1.21 -2.49
C SER A 306 17.83 1.11 -2.76
N PHE A 307 17.04 2.05 -2.24
CA PHE A 307 15.60 2.02 -2.46
C PHE A 307 15.25 2.39 -3.89
N ALA A 308 16.01 3.32 -4.47
CA ALA A 308 15.81 3.64 -5.89
C ALA A 308 16.20 2.43 -6.76
N TYR A 309 17.34 1.82 -6.44
CA TYR A 309 17.84 0.69 -7.22
C TYR A 309 16.92 -0.53 -7.16
N LEU A 310 16.46 -0.88 -5.97
CA LEU A 310 15.61 -2.07 -5.82
C LEU A 310 14.29 -1.90 -6.59
N ALA A 311 13.81 -0.67 -6.73
CA ALA A 311 12.59 -0.38 -7.47
C ALA A 311 12.83 -0.18 -8.98
N GLY A 312 14.07 -0.29 -9.41
CA GLY A 312 14.41 -0.17 -10.82
C GLY A 312 14.47 1.25 -11.36
N LEU A 313 14.54 2.24 -10.48
CA LEU A 313 14.67 3.63 -10.92
C LEU A 313 16.08 3.88 -11.45
N GLU A 314 16.23 4.93 -12.26
CA GLU A 314 17.53 5.27 -12.82
C GLU A 314 18.44 5.94 -11.78
N THR A 315 17.86 6.80 -10.95
CA THR A 315 18.62 7.60 -9.98
C THR A 315 17.81 7.85 -8.73
N VAL A 316 18.50 8.25 -7.65
CA VAL A 316 17.83 8.76 -6.47
C VAL A 316 16.95 9.95 -6.80
N SER A 317 17.40 10.81 -7.70
CA SER A 317 16.61 11.97 -8.08
C SER A 317 15.21 11.57 -8.54
N GLN A 318 15.11 10.44 -9.23
CA GLN A 318 13.80 10.00 -9.72
C GLN A 318 12.81 9.73 -8.59
N LEU A 319 13.30 9.43 -7.39
CA LEU A 319 12.41 9.26 -6.25
C LEU A 319 11.55 10.49 -6.03
N ASN A 320 12.09 11.67 -6.35
CA ASN A 320 11.41 12.92 -6.06
C ASN A 320 10.42 13.35 -7.14
N ASN A 321 10.17 12.47 -8.11
CA ASN A 321 9.25 12.80 -9.20
C ASN A 321 7.95 12.02 -9.09
N ARG A 322 6.94 12.64 -8.48
CA ARG A 322 5.68 11.94 -8.18
C ARG A 322 4.90 11.56 -9.43
N PHE A 323 5.23 12.21 -10.55
CA PHE A 323 4.51 11.95 -11.79
C PHE A 323 5.31 11.11 -12.77
N LEU A 324 6.41 10.52 -12.29
CA LEU A 324 7.17 9.59 -13.11
C LEU A 324 6.37 8.31 -13.30
N LYS A 325 6.14 7.93 -14.56
CA LYS A 325 5.34 6.76 -14.86
C LYS A 325 6.08 5.49 -14.44
N PHE A 326 5.65 4.89 -13.34
CA PHE A 326 6.30 3.69 -12.84
C PHE A 326 5.88 2.46 -13.63
N ASP A 327 4.57 2.32 -13.84
CA ASP A 327 4.02 1.21 -14.61
C ASP A 327 2.65 1.63 -15.11
N GLU A 328 2.54 1.90 -16.41
CA GLU A 328 1.33 2.49 -16.98
C GLU A 328 0.26 1.48 -17.39
N ARG A 329 0.26 0.30 -16.79
CA ARG A 329 -0.67 -0.74 -17.18
C ARG A 329 -1.89 -0.83 -16.26
N ALA A 330 -3.04 -1.12 -16.85
CA ALA A 330 -4.21 -1.52 -16.08
C ALA A 330 -3.87 -2.83 -15.39
N PHE A 331 -4.37 -3.03 -14.17
CA PHE A 331 -4.07 -4.27 -13.48
C PHE A 331 -5.14 -4.67 -12.48
N LYS A 332 -5.14 -5.96 -12.15
CA LYS A 332 -5.88 -6.45 -11.01
C LYS A 332 -4.92 -7.32 -10.22
N THR A 333 -5.09 -7.32 -8.90
CA THR A 333 -4.17 -8.07 -8.06
C THR A 333 -4.93 -8.69 -6.90
N LYS A 334 -4.40 -9.78 -6.38
CA LYS A 334 -4.91 -10.41 -5.17
C LYS A 334 -3.72 -10.78 -4.31
N VAL A 335 -3.96 -11.00 -3.02
CA VAL A 335 -2.87 -11.32 -2.11
C VAL A 335 -3.28 -12.45 -1.15
N ASP A 336 -2.29 -13.22 -0.73
CA ASP A 336 -2.47 -14.20 0.34
C ASP A 336 -1.41 -14.01 1.40
N LEU A 337 -1.78 -14.37 2.63
CA LEU A 337 -0.84 -14.53 3.73
C LEU A 337 -0.83 -16.01 4.09
N THR A 338 0.31 -16.54 4.51
CA THR A 338 0.42 -17.96 4.81
C THR A 338 0.81 -18.20 6.25
N LYS A 339 0.47 -19.39 6.75
CA LYS A 339 0.81 -19.79 8.10
C LYS A 339 1.60 -21.11 8.11
N GLU A 340 1.43 -21.90 7.06
CA GLU A 340 2.16 -23.15 6.90
CA GLU A 340 2.15 -23.15 6.90
C GLU A 340 3.03 -23.06 5.66
N PRO A 341 4.20 -23.75 5.68
CA PRO A 341 5.04 -23.75 4.49
C PRO A 341 4.26 -24.20 3.25
N LEU A 342 4.56 -23.60 2.10
CA LEU A 342 3.94 -24.02 0.85
C LEU A 342 4.62 -25.28 0.35
N PRO A 343 3.83 -26.29 -0.06
CA PRO A 343 4.49 -27.48 -0.59
C PRO A 343 5.05 -27.17 -1.97
N SER A 344 6.03 -27.95 -2.40
CA SER A 344 6.66 -27.74 -3.69
C SER A 344 5.63 -27.67 -4.83
N LYS A 345 4.63 -28.54 -4.77
CA LYS A 345 3.62 -28.60 -5.83
C LYS A 345 2.83 -27.31 -5.95
N ALA A 346 2.75 -26.54 -4.88
CA ALA A 346 2.08 -25.24 -4.94
C ALA A 346 2.85 -24.28 -5.82
N PHE A 347 4.17 -24.21 -5.63
CA PHE A 347 5.01 -23.39 -6.49
C PHE A 347 5.04 -23.93 -7.93
N TYR A 348 5.07 -25.25 -8.08
CA TYR A 348 5.06 -25.84 -9.43
C TYR A 348 3.81 -25.42 -10.20
N GLY A 349 2.65 -25.56 -9.55
CA GLY A 349 1.39 -25.21 -10.20
C GLY A 349 1.25 -23.71 -10.44
N LEU A 350 1.79 -22.91 -9.54
CA LEU A 350 1.77 -21.46 -9.71
C LEU A 350 2.59 -21.10 -10.94
N LEU A 351 3.77 -21.71 -11.06
CA LEU A 351 4.64 -21.47 -12.19
C LEU A 351 4.04 -21.96 -13.51
N GLU A 352 3.34 -23.08 -13.48
CA GLU A 352 2.67 -23.58 -14.68
C GLU A 352 1.64 -22.57 -15.16
N ARG A 353 0.89 -22.01 -14.22
CA ARG A 353 -0.14 -21.03 -14.56
C ARG A 353 0.48 -19.72 -15.09
N LEU A 354 1.58 -19.30 -14.46
CA LEU A 354 2.33 -18.15 -14.97
C LEU A 354 2.83 -18.39 -16.40
N SER A 355 3.27 -19.61 -16.67
CA SER A 355 3.83 -19.93 -17.99
C SER A 355 2.78 -19.82 -19.09
N LYS A 356 1.51 -19.91 -18.71
CA LYS A 356 0.40 -19.86 -19.65
C LYS A 356 -0.13 -18.45 -19.81
N GLU A 357 0.33 -17.53 -18.95
CA GLU A 357 -0.12 -16.15 -18.98
C GLU A 357 1.02 -15.19 -18.70
N PRO A 358 1.78 -14.82 -19.74
CA PRO A 358 2.97 -13.98 -19.57
C PRO A 358 2.67 -12.60 -19.02
N ASN A 359 1.40 -12.19 -19.03
CA ASN A 359 1.01 -10.90 -18.44
C ASN A 359 0.84 -10.98 -16.93
N GLY A 360 0.92 -12.19 -16.39
CA GLY A 360 0.81 -12.36 -14.95
C GLY A 360 2.18 -12.34 -14.29
N PHE A 361 2.22 -11.91 -13.03
CA PHE A 361 3.45 -12.05 -12.25
C PHE A 361 3.13 -12.20 -10.77
N ILE A 362 4.12 -12.63 -10.01
CA ILE A 362 3.95 -12.76 -8.57
C ILE A 362 5.01 -11.96 -7.83
N ALA A 363 4.67 -11.53 -6.62
CA ALA A 363 5.64 -10.90 -5.74
C ALA A 363 5.62 -11.65 -4.42
N LEU A 364 6.79 -12.08 -3.97
CA LEU A 364 6.90 -12.92 -2.78
C LEU A 364 7.73 -12.25 -1.69
N ASN A 365 7.18 -12.19 -0.47
CA ASN A 365 7.88 -11.60 0.67
C ASN A 365 7.76 -12.49 1.89
N GLY A 366 8.86 -12.60 2.62
CA GLY A 366 8.85 -13.30 3.89
C GLY A 366 8.58 -12.34 5.01
N PHE A 367 7.87 -12.82 6.03
CA PHE A 367 7.75 -12.05 7.27
C PHE A 367 8.83 -12.56 8.23
N GLY A 368 8.50 -12.76 9.50
CA GLY A 368 9.53 -13.11 10.47
C GLY A 368 10.28 -11.86 10.89
N GLY A 369 11.43 -12.04 11.53
CA GLY A 369 12.17 -10.90 12.03
C GLY A 369 11.33 -10.06 12.96
N GLN A 370 11.38 -8.75 12.79
CA GLN A 370 10.64 -7.81 13.64
CA GLN A 370 10.64 -7.87 13.69
C GLN A 370 9.13 -7.99 13.50
N MET A 371 8.69 -8.50 12.36
CA MET A 371 7.25 -8.70 12.16
C MET A 371 6.70 -9.74 13.14
N SER A 372 7.54 -10.64 13.64
CA SER A 372 7.13 -11.63 14.63
C SER A 372 7.24 -11.13 16.07
N LYS A 373 7.89 -9.99 16.26
CA LYS A 373 8.12 -9.47 17.60
C LYS A 373 7.15 -8.36 17.96
N ILE A 374 6.46 -7.84 16.95
CA ILE A 374 5.43 -6.84 17.18
C ILE A 374 4.11 -7.54 17.48
N SER A 375 3.42 -7.10 18.52
CA SER A 375 2.19 -7.75 18.93
C SER A 375 1.11 -7.57 17.88
N SER A 376 0.21 -8.55 17.77
CA SER A 376 -0.86 -8.48 16.77
C SER A 376 -1.78 -7.30 16.98
N ASP A 377 -1.83 -6.76 18.19
CA ASP A 377 -2.69 -5.61 18.43
C ASP A 377 -1.93 -4.29 18.69
N PHE A 378 -0.62 -4.28 18.46
CA PHE A 378 0.15 -3.04 18.59
C PHE A 378 -0.44 -1.96 17.70
N THR A 379 -0.68 -2.30 16.44
CA THR A 379 -1.43 -1.46 15.52
C THR A 379 -2.47 -2.36 14.84
N PRO A 380 -3.36 -1.79 14.02
CA PRO A 380 -4.43 -2.64 13.46
C PRO A 380 -3.99 -3.82 12.59
N PHE A 381 -2.85 -3.73 11.91
CA PHE A 381 -2.39 -4.84 11.06
C PHE A 381 -2.04 -6.02 11.97
N PRO A 382 -2.79 -7.14 11.85
CA PRO A 382 -2.68 -8.20 12.85
C PRO A 382 -1.75 -9.35 12.51
N HIS A 383 -1.21 -9.37 11.29
CA HIS A 383 -0.50 -10.56 10.82
C HIS A 383 0.97 -10.52 11.20
N ARG A 384 1.24 -10.98 12.42
CA ARG A 384 2.58 -10.86 13.00
C ARG A 384 3.14 -12.26 13.25
N SER A 385 3.47 -12.60 14.49
CA SER A 385 3.98 -13.94 14.78
C SER A 385 3.06 -15.01 14.17
N GLY A 386 3.67 -16.02 13.55
CA GLY A 386 2.91 -17.09 12.92
C GLY A 386 2.69 -16.90 11.44
N THR A 387 2.81 -15.65 10.98
CA THR A 387 2.68 -15.35 9.55
C THR A 387 4.01 -15.59 8.87
N ARG A 388 4.01 -16.43 7.84
CA ARG A 388 5.25 -16.82 7.18
C ARG A 388 5.53 -15.96 5.94
N LEU A 389 4.59 -15.94 5.00
CA LEU A 389 4.79 -15.23 3.74
C LEU A 389 3.62 -14.35 3.37
N MET A 390 3.93 -13.35 2.54
CA MET A 390 2.92 -12.63 1.79
C MET A 390 3.14 -12.93 0.31
N VAL A 391 2.08 -13.32 -0.38
CA VAL A 391 2.16 -13.75 -1.77
C VAL A 391 1.18 -12.93 -2.58
N GLU A 392 1.69 -12.15 -3.52
CA GLU A 392 0.85 -11.30 -4.37
CA GLU A 392 0.84 -11.31 -4.37
C GLU A 392 0.79 -11.85 -5.79
N TYR A 393 -0.42 -11.87 -6.37
CA TYR A 393 -0.65 -12.32 -7.73
C TYR A 393 -1.18 -11.13 -8.51
N ILE A 394 -0.57 -10.83 -9.65
CA ILE A 394 -0.93 -9.64 -10.41
C ILE A 394 -1.07 -10.02 -11.87
N VAL A 395 -2.09 -9.46 -12.53
CA VAL A 395 -2.15 -9.52 -13.98
C VAL A 395 -2.30 -8.08 -14.50
N ALA A 396 -1.53 -7.73 -15.52
CA ALA A 396 -1.45 -6.36 -15.98
C ALA A 396 -1.36 -6.31 -17.49
N TRP A 397 -1.90 -5.26 -18.10
CA TRP A 397 -1.94 -5.19 -19.56
C TRP A 397 -1.98 -3.75 -20.04
N ASN A 398 -1.51 -3.53 -21.25
CA ASN A 398 -1.57 -2.19 -21.84
C ASN A 398 -2.81 -2.01 -22.68
N GLN A 399 -3.02 -0.79 -23.17
CA GLN A 399 -4.24 -0.45 -23.87
C GLN A 399 -4.46 -1.31 -25.11
N SER A 400 -3.37 -1.73 -25.75
CA SER A 400 -3.49 -2.52 -26.97
C SER A 400 -3.95 -3.95 -26.69
N GLU A 401 -3.97 -4.31 -25.41
CA GLU A 401 -4.34 -5.67 -25.01
C GLU A 401 -5.72 -5.72 -24.35
N GLN A 402 -6.45 -4.61 -24.42
CA GLN A 402 -7.74 -4.48 -23.74
C GLN A 402 -8.74 -5.59 -24.08
N LYS A 403 -8.67 -6.11 -25.30
CA LYS A 403 -9.60 -7.14 -25.76
C LYS A 403 -9.55 -8.36 -24.84
N LYS A 404 -8.41 -8.58 -24.20
CA LYS A 404 -8.18 -9.77 -23.40
C LYS A 404 -8.51 -9.59 -21.91
N LYS A 405 -9.09 -8.45 -21.56
CA LYS A 405 -9.39 -8.15 -20.17
C LYS A 405 -10.10 -9.28 -19.43
N THR A 406 -11.21 -9.75 -19.97
CA THR A 406 -11.98 -10.80 -19.30
C THR A 406 -11.11 -12.04 -19.08
N GLU A 407 -10.34 -12.40 -20.09
CA GLU A 407 -9.42 -13.54 -20.01
C GLU A 407 -8.38 -13.35 -18.91
N PHE A 408 -7.81 -12.14 -18.84
CA PHE A 408 -6.82 -11.83 -17.81
C PHE A 408 -7.40 -12.01 -16.42
N LEU A 409 -8.59 -11.45 -16.21
CA LEU A 409 -9.25 -11.53 -14.91
C LEU A 409 -9.62 -12.98 -14.57
N ASP A 410 -10.03 -13.74 -15.57
CA ASP A 410 -10.33 -15.16 -15.36
C ASP A 410 -9.08 -15.90 -14.90
N TRP A 411 -7.95 -15.59 -15.52
CA TRP A 411 -6.69 -16.24 -15.15
C TRP A 411 -6.38 -15.98 -13.67
N LEU A 412 -6.52 -14.73 -13.25
CA LEU A 412 -6.23 -14.35 -11.88
C LEU A 412 -7.16 -15.05 -10.90
N GLU A 413 -8.44 -15.10 -11.25
CA GLU A 413 -9.44 -15.77 -10.42
C GLU A 413 -9.05 -17.23 -10.21
N LYS A 414 -8.59 -17.88 -11.28
CA LYS A 414 -8.24 -19.29 -11.22
C LYS A 414 -6.96 -19.55 -10.42
N VAL A 415 -6.01 -18.62 -10.49
CA VAL A 415 -4.81 -18.71 -9.66
C VAL A 415 -5.18 -18.64 -8.17
N TYR A 416 -6.03 -17.70 -7.82
CA TYR A 416 -6.44 -17.53 -6.43
C TYR A 416 -7.18 -18.79 -5.93
N GLU A 417 -8.01 -19.38 -6.78
CA GLU A 417 -8.70 -20.62 -6.41
C GLU A 417 -7.71 -21.77 -6.25
N PHE A 418 -6.70 -21.83 -7.14
CA PHE A 418 -5.69 -22.88 -7.03
C PHE A 418 -4.93 -22.82 -5.70
N MET A 419 -4.63 -21.61 -5.24
CA MET A 419 -3.81 -21.46 -4.04
C MET A 419 -4.57 -21.69 -2.74
N LYS A 420 -5.90 -21.71 -2.83
CA LYS A 420 -6.76 -21.79 -1.64
C LYS A 420 -6.32 -22.79 -0.56
N PRO A 421 -6.05 -24.05 -0.93
CA PRO A 421 -5.73 -25.06 0.11
C PRO A 421 -4.39 -24.83 0.80
N PHE A 422 -3.52 -24.02 0.20
CA PHE A 422 -2.16 -23.90 0.72
C PHE A 422 -1.95 -22.69 1.61
N VAL A 423 -2.89 -21.75 1.56
CA VAL A 423 -2.69 -20.47 2.25
C VAL A 423 -3.57 -20.40 3.49
N SER A 424 -3.58 -19.25 4.15
CA SER A 424 -4.38 -19.10 5.36
C SER A 424 -5.84 -19.39 5.08
N LYS A 425 -6.53 -19.96 6.07
CA LYS A 425 -7.94 -20.28 5.91
C LYS A 425 -8.67 -20.08 7.24
N ASN A 426 -9.98 -19.87 7.16
CA ASN A 426 -10.82 -19.71 8.34
C ASN A 426 -10.39 -18.58 9.27
N PRO A 427 -10.34 -17.35 8.76
CA PRO A 427 -10.67 -16.99 7.38
C PRO A 427 -9.43 -16.87 6.50
N ARG A 428 -9.64 -16.77 5.19
CA ARG A 428 -8.54 -16.47 4.28
C ARG A 428 -8.13 -15.01 4.49
N LEU A 429 -6.89 -14.82 4.93
CA LEU A 429 -6.44 -13.51 5.38
C LEU A 429 -6.13 -12.57 4.23
N GLY A 430 -6.22 -11.28 4.52
CA GLY A 430 -5.89 -10.26 3.55
C GLY A 430 -5.19 -9.07 4.20
N TYR A 431 -5.06 -8.00 3.44
CA TYR A 431 -4.28 -6.83 3.85
C TYR A 431 -5.00 -5.61 3.32
N VAL A 432 -5.35 -4.66 4.20
CA VAL A 432 -6.22 -3.57 3.76
C VAL A 432 -5.61 -2.68 2.67
N ASN A 433 -4.29 -2.55 2.62
CA ASN A 433 -3.67 -1.83 1.51
C ASN A 433 -3.81 -2.57 0.18
N HIS A 434 -4.15 -3.85 0.28
CA HIS A 434 -4.41 -4.66 -0.92
CA HIS A 434 -4.40 -4.71 -0.88
C HIS A 434 -5.91 -4.91 -0.99
N ILE A 435 -6.66 -3.82 -0.83
CA ILE A 435 -8.12 -3.87 -0.80
CA ILE A 435 -8.11 -3.89 -0.80
C ILE A 435 -8.67 -4.69 -1.96
N ASP A 436 -9.60 -5.59 -1.65
CA ASP A 436 -10.16 -6.50 -2.65
C ASP A 436 -11.68 -6.53 -2.52
N LEU A 437 -12.35 -5.96 -3.52
CA LEU A 437 -13.80 -5.86 -3.49
C LEU A 437 -14.51 -7.16 -3.83
N ASP A 438 -13.74 -8.17 -4.23
CA ASP A 438 -14.34 -9.48 -4.48
C ASP A 438 -14.90 -10.04 -3.17
N LEU A 439 -14.36 -9.55 -2.05
CA LEU A 439 -14.82 -9.96 -0.73
C LEU A 439 -16.22 -9.44 -0.43
N GLY A 440 -16.70 -8.50 -1.26
CA GLY A 440 -18.01 -7.90 -1.07
C GLY A 440 -17.89 -6.41 -0.78
N GLY A 441 -19.02 -5.77 -0.47
CA GLY A 441 -19.03 -4.35 -0.17
C GLY A 441 -20.38 -3.87 0.34
N ILE A 442 -20.36 -2.77 1.08
CA ILE A 442 -21.56 -2.15 1.62
C ILE A 442 -22.06 -1.01 0.74
N ASP A 443 -23.34 -1.05 0.40
CA ASP A 443 -24.00 0.11 -0.17
C ASP A 443 -24.61 0.91 0.98
N TRP A 444 -23.98 2.02 1.32
CA TRP A 444 -24.39 2.82 2.47
C TRP A 444 -25.73 3.50 2.26
N GLY A 445 -26.27 3.42 1.05
CA GLY A 445 -27.58 3.98 0.76
C GLY A 445 -28.69 2.98 0.91
N ASN A 446 -28.34 1.75 1.28
CA ASN A 446 -29.29 0.64 1.37
C ASN A 446 -29.59 0.33 2.83
N LYS A 447 -30.80 0.67 3.27
CA LYS A 447 -31.15 0.61 4.68
C LYS A 447 -31.02 -0.79 5.29
N THR A 448 -31.49 -1.80 4.58
CA THR A 448 -31.47 -3.16 5.11
C THR A 448 -30.03 -3.63 5.29
N VAL A 449 -29.17 -3.26 4.36
CA VAL A 449 -27.75 -3.60 4.46
C VAL A 449 -27.10 -2.85 5.62
N VAL A 450 -27.34 -1.55 5.70
CA VAL A 450 -26.75 -0.75 6.77
C VAL A 450 -27.18 -1.24 8.17
N ASN A 451 -28.42 -1.67 8.31
CA ASN A 451 -28.89 -2.22 9.58
C ASN A 451 -28.00 -3.35 10.07
N ASN A 452 -27.47 -4.13 9.13
CA ASN A 452 -26.68 -5.31 9.46
C ASN A 452 -25.22 -5.12 9.08
N ALA A 453 -24.77 -3.88 9.08
CA ALA A 453 -23.46 -3.53 8.53
C ALA A 453 -22.31 -4.21 9.27
N ILE A 454 -22.42 -4.34 10.58
CA ILE A 454 -21.33 -4.93 11.34
C ILE A 454 -21.10 -6.40 10.95
N GLU A 455 -22.15 -7.22 10.92
CA GLU A 455 -22.02 -8.62 10.52
CA GLU A 455 -22.01 -8.62 10.51
C GLU A 455 -21.55 -8.75 9.07
N ILE A 456 -22.18 -7.99 8.19
CA ILE A 456 -21.84 -8.04 6.77
C ILE A 456 -20.37 -7.71 6.53
N SER A 457 -19.90 -6.67 7.21
CA SER A 457 -18.53 -6.19 7.01
CA SER A 457 -18.53 -6.17 7.03
C SER A 457 -17.48 -7.10 7.63
N ARG A 458 -17.91 -8.04 8.45
CA ARG A 458 -16.99 -9.00 9.06
C ARG A 458 -16.27 -9.83 8.01
N SER A 459 -16.94 -10.07 6.89
CA SER A 459 -16.35 -10.85 5.80
C SER A 459 -14.94 -10.37 5.47
N TRP A 460 -14.83 -9.10 5.13
CA TRP A 460 -13.52 -8.54 4.82
C TRP A 460 -12.81 -7.99 6.07
N GLY A 461 -13.57 -7.45 7.01
CA GLY A 461 -13.00 -6.86 8.20
C GLY A 461 -12.13 -7.82 8.99
N GLU A 462 -12.60 -9.03 9.19
CA GLU A 462 -11.83 -10.01 9.92
C GLU A 462 -10.64 -10.55 9.12
N SER A 463 -10.75 -10.54 7.80
CA SER A 463 -9.64 -10.96 6.95
CA SER A 463 -9.63 -10.97 6.96
C SER A 463 -8.50 -9.96 7.01
N TYR A 464 -8.85 -8.67 7.07
CA TYR A 464 -7.85 -7.61 7.15
C TYR A 464 -7.30 -7.41 8.57
N PHE A 465 -8.15 -7.59 9.58
CA PHE A 465 -7.85 -7.11 10.93
C PHE A 465 -8.01 -8.12 12.05
N LEU A 466 -8.55 -9.30 11.72
CA LEU A 466 -8.80 -10.33 12.73
C LEU A 466 -9.43 -9.75 14.00
N SER A 467 -8.84 -10.03 15.15
CA SER A 467 -9.45 -9.62 16.42
C SER A 467 -9.45 -8.12 16.66
N ASN A 468 -8.70 -7.39 15.85
CA ASN A 468 -8.64 -5.93 15.97
C ASN A 468 -9.89 -5.24 15.44
N TYR A 469 -10.75 -5.99 14.78
CA TYR A 469 -11.95 -5.43 14.16
CA TYR A 469 -11.96 -5.46 14.16
C TYR A 469 -12.84 -4.74 15.18
N GLU A 470 -13.02 -5.34 16.35
CA GLU A 470 -13.87 -4.77 17.40
C GLU A 470 -13.41 -3.39 17.86
N ARG A 471 -12.13 -3.24 18.15
CA ARG A 471 -11.61 -1.93 18.57
C ARG A 471 -11.72 -0.90 17.44
N LEU A 472 -11.52 -1.34 16.20
CA LEU A 472 -11.67 -0.44 15.06
C LEU A 472 -13.08 0.15 15.02
N ILE A 473 -14.08 -0.70 15.24
CA ILE A 473 -15.46 -0.24 15.25
C ILE A 473 -15.70 0.80 16.35
N ARG A 474 -15.16 0.55 17.54
CA ARG A 474 -15.28 1.50 18.63
CA ARG A 474 -15.29 1.51 18.63
C ARG A 474 -14.62 2.83 18.28
N ALA A 475 -13.45 2.76 17.65
CA ALA A 475 -12.73 3.96 17.26
C ALA A 475 -13.52 4.74 16.19
N LYS A 476 -14.12 4.01 15.26
CA LYS A 476 -14.92 4.62 14.19
C LYS A 476 -16.09 5.39 14.78
N THR A 477 -16.74 4.78 15.77
CA THR A 477 -17.90 5.40 16.40
C THR A 477 -17.52 6.69 17.13
N LEU A 478 -16.34 6.70 17.74
CA LEU A 478 -15.83 7.88 18.42
C LEU A 478 -15.52 9.05 17.49
N ILE A 479 -14.83 8.76 16.39
CA ILE A 479 -14.30 9.82 15.54
C ILE A 479 -15.21 10.20 14.35
N ASP A 480 -16.05 9.28 13.91
CA ASP A 480 -16.89 9.54 12.74
C ASP A 480 -18.25 8.87 12.89
N PRO A 481 -18.99 9.22 13.97
CA PRO A 481 -20.25 8.54 14.28
C PRO A 481 -21.28 8.67 13.15
N ASN A 482 -21.20 9.74 12.38
CA ASN A 482 -22.17 9.97 11.31
C ASN A 482 -21.71 9.42 9.97
N ASN A 483 -20.58 8.72 9.98
CA ASN A 483 -20.09 8.00 8.80
C ASN A 483 -19.86 8.90 7.60
N VAL A 484 -19.23 10.05 7.83
CA VAL A 484 -18.91 10.98 6.76
C VAL A 484 -17.83 10.40 5.83
N PHE A 485 -16.96 9.58 6.39
CA PHE A 485 -15.89 8.97 5.62
C PHE A 485 -16.19 7.50 5.40
N ASN A 486 -16.65 7.17 4.20
CA ASN A 486 -17.14 5.83 3.92
C ASN A 486 -16.79 5.37 2.51
N HIS A 487 -16.72 4.05 2.33
CA HIS A 487 -16.52 3.45 1.02
C HIS A 487 -17.04 2.01 1.14
N PRO A 488 -16.97 1.21 0.07
CA PRO A 488 -17.64 -0.09 0.15
C PRO A 488 -17.13 -1.00 1.26
N GLN A 489 -15.89 -0.81 1.71
CA GLN A 489 -15.34 -1.65 2.77
C GLN A 489 -14.86 -0.87 3.99
N SER A 490 -15.44 0.31 4.22
CA SER A 490 -15.07 1.11 5.38
C SER A 490 -15.64 0.51 6.67
N ILE A 491 -14.92 0.68 7.77
CA ILE A 491 -15.36 0.20 9.07
C ILE A 491 -16.69 0.85 9.48
N PRO A 492 -17.72 0.04 9.80
CA PRO A 492 -19.01 0.61 10.18
C PRO A 492 -18.97 1.25 11.57
N PRO A 493 -19.70 2.37 11.75
CA PRO A 493 -19.91 2.93 13.08
C PRO A 493 -21.06 2.15 13.68
N MET A 494 -21.18 2.13 15.00
CA MET A 494 -22.37 1.56 15.62
C MET A 494 -23.51 2.55 15.54
N ALA A 495 -24.72 2.04 15.31
CA ALA A 495 -25.89 2.90 15.16
C ALA A 495 -26.37 3.42 16.51
C1 NAG B . -4.00 24.42 -7.99
C2 NAG B . -3.43 25.71 -8.61
C3 NAG B . -2.46 25.47 -9.76
C4 NAG B . -1.59 24.22 -9.59
C5 NAG B . -2.41 23.06 -9.06
C6 NAG B . -1.56 21.81 -8.87
C7 NAG B . -4.87 27.64 -8.45
C8 NAG B . -6.06 28.38 -8.98
N2 NAG B . -4.53 26.53 -9.08
O3 NAG B . -1.63 26.60 -9.90
O4 NAG B . -1.02 23.92 -10.86
O5 NAG B . -2.99 23.44 -7.84
O6 NAG B . -0.45 22.10 -8.04
O7 NAG B . -4.25 28.07 -7.48
C1 NAG B . 0.41 24.03 -10.77
C2 NAG B . 1.05 23.22 -11.90
C3 NAG B . 2.55 23.47 -12.09
C4 NAG B . 2.91 24.94 -11.91
C5 NAG B . 2.23 25.50 -10.66
C6 NAG B . 2.63 26.95 -10.42
C7 NAG B . -0.17 21.20 -12.42
C8 NAG B . -0.22 19.71 -12.36
N2 NAG B . 0.76 21.80 -11.70
O3 NAG B . 2.92 23.02 -13.37
O4 NAG B . 4.29 25.16 -11.73
O5 NAG B . 0.83 25.37 -10.78
O6 NAG B . 2.21 27.75 -11.51
O7 NAG B . -0.99 21.82 -13.11
C1 MAN B . 5.01 25.41 -12.95
C2 MAN B . 6.48 25.11 -12.74
C3 MAN B . 7.20 25.92 -13.80
C4 MAN B . 6.72 25.46 -15.17
C5 MAN B . 5.20 25.28 -15.28
C6 MAN B . 4.88 24.39 -16.48
O2 MAN B . 6.73 23.73 -12.93
O3 MAN B . 8.59 25.75 -13.68
O4 MAN B . 7.14 26.39 -16.14
O5 MAN B . 4.62 24.71 -14.11
O6 MAN B . 3.50 24.43 -16.76
PA FAD C . -5.05 6.55 -2.71
O1A FAD C . -5.80 5.83 -3.81
O2A FAD C . -4.90 8.04 -2.92
O5B FAD C . -5.71 6.29 -1.27
C5B FAD C . -5.98 4.97 -0.82
C4B FAD C . -7.12 5.05 0.19
O4B FAD C . -6.73 5.89 1.28
C3B FAD C . -8.40 5.65 -0.36
O3B FAD C . -9.49 5.12 0.38
C2B FAD C . -8.26 7.12 -0.02
O2B FAD C . -9.49 7.83 0.06
C1B FAD C . -7.55 7.04 1.33
N9A FAD C . -6.71 8.22 1.59
C8A FAD C . -5.78 8.79 0.76
N7A FAD C . -5.23 9.85 1.41
C5A FAD C . -5.77 9.94 2.64
C6A FAD C . -5.59 10.80 3.70
N6A FAD C . -4.69 11.80 3.64
N1A FAD C . -6.32 10.62 4.85
C2A FAD C . -7.23 9.59 4.95
N3A FAD C . -7.42 8.74 3.89
C4A FAD C . -6.71 8.92 2.76
N1 FAD C . 1.64 -1.47 -0.49
C2 FAD C . 2.56 -1.92 0.44
O2 FAD C . 2.25 -2.03 1.64
N3 FAD C . 3.86 -2.14 0.04
C4 FAD C . 4.26 -1.91 -1.25
O4 FAD C . 5.44 -2.16 -1.56
C4X FAD C . 3.30 -1.56 -2.21
N5 FAD C . 3.66 -1.33 -3.53
C5X FAD C . 2.77 -0.73 -4.40
C6 FAD C . 3.17 -0.37 -5.68
C7 FAD C . 2.30 0.24 -6.57
C7M FAD C . 2.75 0.54 -7.97
C8 FAD C . 1.00 0.54 -6.16
C8M FAD C . 0.06 1.26 -7.07
C9 FAD C . 0.59 0.19 -4.88
C9A FAD C . 1.47 -0.45 -4.00
N10 FAD C . 1.07 -0.84 -2.73
C10 FAD C . 2.00 -1.30 -1.82
C1' FAD C . -0.36 -0.61 -2.29
C2' FAD C . -0.49 0.72 -1.53
O2' FAD C . 0.07 0.60 -0.23
C3' FAD C . -1.97 1.10 -1.39
O3' FAD C . -2.55 1.15 -2.69
C4' FAD C . -2.08 2.44 -0.69
O4' FAD C . -3.28 2.51 0.07
C5' FAD C . -2.04 3.57 -1.70
O5' FAD C . -2.02 4.85 -1.06
P FAD C . -2.21 6.14 -1.98
O1P FAD C . -2.25 7.39 -1.14
O2P FAD C . -1.23 6.10 -3.10
O3P FAD C . -3.65 5.80 -2.65
C1 SLX D . 3.66 -3.85 -8.16
C2 SLX D . 4.41 -3.53 -9.27
C3 SLX D . 3.80 -3.18 -10.47
C5 SLX D . 2.44 -3.17 -10.57
C8 SLX D . 1.63 -3.50 -9.47
C9 SLX D . 2.25 -3.85 -8.23
C10 SLX D . 1.42 -4.44 -7.10
C11 SLX D . 2.18 -4.29 -5.79
N12 SLX D . 3.45 -4.97 -6.01
C14 SLX D . 4.35 -4.25 -6.90
C16 SLX D . 5.53 -5.13 -7.30
C17 SLX D . 6.25 -5.54 -6.03
C25 SLX D . 7.60 -5.81 -6.06
C24 SLX D . 8.26 -6.17 -4.90
C21 SLX D . 7.52 -6.27 -3.69
O22 SLX D . 8.14 -6.62 -2.57
C23 SLX D . 9.58 -6.69 -2.54
C19 SLX D . 6.21 -6.01 -3.67
O20 SLX D . 5.51 -6.11 -2.48
C18 SLX D . 5.55 -5.64 -4.81
C13 SLX D . 4.07 -5.36 -4.74
O6 SLX D . 1.89 -2.83 -11.77
C7 SLX D . 0.65 -2.29 -11.82
O4 SLX D . 4.56 -2.87 -11.54
C1 NAG E . -30.37 -3.60 -0.59
C2 NAG E . -31.30 -3.64 -1.81
C3 NAG E . -31.74 -5.04 -2.22
C4 NAG E . -30.58 -6.02 -2.17
C5 NAG E . -29.91 -5.93 -0.82
C6 NAG E . -28.77 -6.94 -0.68
C7 NAG E . -32.73 -1.68 -2.09
C8 NAG E . -34.07 -1.06 -1.84
N2 NAG E . -32.50 -2.86 -1.52
O3 NAG E . -32.31 -5.01 -3.51
O4 NAG E . -31.04 -7.34 -2.40
O5 NAG E . -29.40 -4.64 -0.63
O6 NAG E . -27.71 -6.58 -1.53
O7 NAG E . -31.89 -1.09 -2.79
MG MG F . -10.91 20.71 -25.70
#